data_5MMW
#
_entry.id   5MMW
#
_cell.length_a   67.489
_cell.length_b   67.489
_cell.length_c   108.639
_cell.angle_alpha   90.000
_cell.angle_beta   90.000
_cell.angle_gamma   90.000
#
_symmetry.space_group_name_H-M   'P 43 21 2'
#
loop_
_entity.id
_entity.type
_entity.pdbx_description
1 polymer 'Retinoic acid receptor RXR-alpha'
2 polymer LYS-ILE-LEU-HIS-ARG-LEU-LEU-GLN
3 non-polymer '(~{E})-3-[3-(2-methyl-3-phenyl-phenyl)-4-oxidanyl-phenyl]prop-2-enoic acid'
4 water water
#
loop_
_entity_poly.entity_id
_entity_poly.type
_entity_poly.pdbx_seq_one_letter_code
_entity_poly.pdbx_strand_id
1 'polypeptide(L)'
;DMPVERILEAELAVEPKTETYVEANMGLNPSSPNDPVTNICQAADKQLFTLVEWAKRIPHFSELPLDDQVILLRAGWNEL
LIASFSHRSIAVKDGILLATGLHVHRNSAHSAGVGAIFDRVLTELVSKMRDMQMDKTELGCLRAIVLFNPDSKGLSNPAE
VEALREKVYASLEAYCKHKYPEQPGRFAKLLLRLPALRSIGLKCLEHLFFFKLIGDTPIDTFLMEMLEA
;
A
2 'polypeptide(L)' KILHRLLQ B
#
loop_
_chem_comp.id
_chem_comp.type
_chem_comp.name
_chem_comp.formula
SJZ non-polymer '(~{E})-3-[3-(2-methyl-3-phenyl-phenyl)-4-oxidanyl-phenyl]prop-2-enoic acid' 'C22 H18 O3'
#
# COMPACT_ATOMS: atom_id res chain seq x y z
N ASP A 1 3.31 19.58 -12.11
CA ASP A 1 2.03 19.62 -11.41
C ASP A 1 1.61 18.22 -10.98
N MET A 2 0.93 18.13 -9.83
CA MET A 2 0.48 16.86 -9.27
C MET A 2 -0.97 17.03 -8.82
N PRO A 3 -1.93 16.90 -9.75
CA PRO A 3 -3.33 17.12 -9.39
C PRO A 3 -3.89 15.97 -8.58
N VAL A 4 -4.49 16.29 -7.42
CA VAL A 4 -5.09 15.26 -6.58
C VAL A 4 -6.29 14.61 -7.27
N GLU A 5 -6.88 15.28 -8.26
CA GLU A 5 -8.06 14.72 -8.93
C GLU A 5 -7.72 13.39 -9.60
N ARG A 6 -6.57 13.32 -10.26
CA ARG A 6 -6.20 12.08 -10.96
C ARG A 6 -5.76 11.00 -9.98
N ILE A 7 -5.06 11.37 -8.92
CA ILE A 7 -4.70 10.38 -7.90
C ILE A 7 -5.95 9.71 -7.35
N LEU A 8 -7.00 10.49 -7.13
CA LEU A 8 -8.27 9.90 -6.71
C LEU A 8 -8.82 8.97 -7.78
N GLU A 9 -8.75 9.40 -9.05
CA GLU A 9 -9.19 8.53 -10.14
C GLU A 9 -8.41 7.23 -10.16
N ALA A 10 -7.13 7.27 -9.80
CA ALA A 10 -6.34 6.04 -9.72
C ALA A 10 -6.89 5.12 -8.64
N GLU A 11 -7.22 5.66 -7.47
CA GLU A 11 -7.84 4.85 -6.43
C GLU A 11 -9.19 4.32 -6.88
N LEU A 12 -10.01 5.18 -7.48
CA LEU A 12 -11.34 4.75 -7.90
C LEU A 12 -11.27 3.72 -9.03
N ALA A 13 -10.25 3.81 -9.88
CA ALA A 13 -10.15 2.96 -11.06
C ALA A 13 -9.72 1.53 -10.73
N VAL A 14 -9.21 1.28 -9.53
CA VAL A 14 -8.65 -0.03 -9.20
C VAL A 14 -9.37 -0.64 -8.00
N GLU A 15 -10.63 -0.27 -7.80
CA GLU A 15 -11.29 -0.97 -6.71
C GLU A 15 -12.27 -2.00 -7.24
N PRO A 16 -12.53 -3.07 -6.47
CA PRO A 16 -13.39 -4.18 -6.90
C PRO A 16 -14.75 -3.73 -7.41
N ASN A 34 -12.28 -19.67 4.02
CA ASN A 34 -11.31 -20.75 4.00
C ASN A 34 -10.09 -20.43 4.86
N ASP A 35 -8.98 -21.11 4.58
CA ASP A 35 -7.78 -20.93 5.38
C ASP A 35 -7.31 -19.47 5.30
N PRO A 36 -7.08 -18.81 6.45
CA PRO A 36 -6.61 -17.42 6.39
C PRO A 36 -5.27 -17.25 5.73
N VAL A 37 -4.32 -18.14 6.02
CA VAL A 37 -2.97 -18.01 5.47
C VAL A 37 -3.02 -18.06 3.94
N THR A 38 -3.67 -19.09 3.40
CA THR A 38 -3.73 -19.23 1.94
C THR A 38 -4.43 -18.04 1.31
N ASN A 39 -5.49 -17.53 1.94
CA ASN A 39 -6.19 -16.37 1.41
C ASN A 39 -5.27 -15.16 1.36
N ILE A 40 -4.44 -14.97 2.39
CA ILE A 40 -3.52 -13.85 2.41
C ILE A 40 -2.60 -13.88 1.20
N CYS A 41 -2.00 -15.04 0.92
CA CYS A 41 -1.11 -15.15 -0.22
C CYS A 41 -1.86 -14.94 -1.53
N GLN A 42 -3.05 -15.51 -1.64
CA GLN A 42 -3.84 -15.32 -2.86
C GLN A 42 -4.20 -13.86 -3.06
N ALA A 43 -4.58 -13.16 -1.99
CA ALA A 43 -4.96 -11.76 -2.11
C ALA A 43 -3.77 -10.91 -2.52
N ALA A 44 -2.63 -11.11 -1.87
CA ALA A 44 -1.44 -10.33 -2.21
C ALA A 44 -1.06 -10.49 -3.68
N ASP A 45 -1.10 -11.73 -4.18
CA ASP A 45 -0.79 -11.96 -5.59
C ASP A 45 -1.83 -11.30 -6.49
N LYS A 46 -3.11 -11.39 -6.11
CA LYS A 46 -4.16 -10.79 -6.93
C LYS A 46 -4.01 -9.28 -7.02
N GLN A 47 -3.73 -8.62 -5.90
CA GLN A 47 -3.64 -7.16 -5.88
C GLN A 47 -2.33 -6.63 -6.43
N LEU A 48 -1.32 -7.48 -6.60
CA LEU A 48 -0.10 -7.03 -7.26
C LEU A 48 -0.37 -6.57 -8.67
N PHE A 49 -1.25 -7.28 -9.39
CA PHE A 49 -1.62 -6.87 -10.74
C PHE A 49 -2.33 -5.52 -10.72
N THR A 50 -3.32 -5.36 -9.83
CA THR A 50 -4.02 -4.10 -9.73
C THR A 50 -3.10 -2.96 -9.33
N LEU A 51 -2.06 -3.26 -8.54
CA LEU A 51 -1.12 -2.23 -8.13
C LEU A 51 -0.41 -1.63 -9.33
N VAL A 52 -0.05 -2.46 -10.31
CA VAL A 52 0.61 -1.95 -11.51
C VAL A 52 -0.32 -1.02 -12.27
N GLU A 53 -1.59 -1.39 -12.40
CA GLU A 53 -2.55 -0.52 -13.07
C GLU A 53 -2.79 0.76 -12.29
N TRP A 54 -2.73 0.70 -10.96
CA TRP A 54 -2.84 1.91 -10.16
C TRP A 54 -1.64 2.81 -10.36
N ALA A 55 -0.43 2.24 -10.33
CA ALA A 55 0.78 3.04 -10.52
C ALA A 55 0.78 3.72 -11.88
N LYS A 56 0.42 2.98 -12.94
CA LYS A 56 0.37 3.57 -14.27
C LYS A 56 -0.47 4.84 -14.30
N ARG A 57 -1.55 4.86 -13.52
CA ARG A 57 -2.46 6.00 -13.50
C ARG A 57 -1.98 7.14 -12.62
N ILE A 58 -0.91 6.95 -11.86
CA ILE A 58 -0.36 8.03 -11.04
C ILE A 58 0.40 9.00 -11.95
N PRO A 59 0.19 10.31 -11.80
CA PRO A 59 0.82 11.26 -12.72
C PRO A 59 2.34 11.19 -12.66
N HIS A 60 2.96 11.10 -13.84
CA HIS A 60 4.40 11.16 -14.07
C HIS A 60 5.10 9.84 -13.78
N PHE A 61 4.43 8.84 -13.20
CA PHE A 61 5.09 7.59 -12.89
C PHE A 61 5.55 6.88 -14.16
N SER A 62 4.67 6.79 -15.15
CA SER A 62 5.02 6.14 -16.41
C SER A 62 6.13 6.87 -17.15
N GLU A 63 6.30 8.17 -16.90
CA GLU A 63 7.36 8.94 -17.54
C GLU A 63 8.74 8.53 -17.06
N LEU A 64 8.85 7.99 -15.85
CA LEU A 64 10.14 7.59 -15.32
C LEU A 64 10.71 6.42 -16.11
N PRO A 65 12.02 6.21 -16.04
CA PRO A 65 12.61 5.05 -16.72
C PRO A 65 11.97 3.75 -16.24
N LEU A 66 11.82 2.80 -17.16
CA LEU A 66 11.17 1.55 -16.83
C LEU A 66 11.89 0.83 -15.69
N ASP A 67 13.21 0.97 -15.61
CA ASP A 67 13.95 0.30 -14.53
C ASP A 67 13.63 0.93 -13.18
N ASP A 68 13.44 2.24 -13.14
CA ASP A 68 13.08 2.89 -11.87
C ASP A 68 11.67 2.53 -11.44
N GLN A 69 10.76 2.39 -12.41
CA GLN A 69 9.41 1.94 -12.07
C GLN A 69 9.45 0.58 -11.40
N VAL A 70 10.27 -0.34 -11.92
CA VAL A 70 10.41 -1.66 -11.30
C VAL A 70 10.96 -1.52 -9.89
N ILE A 71 11.96 -0.66 -9.71
CA ILE A 71 12.55 -0.48 -8.38
C ILE A 71 11.52 0.08 -7.41
N LEU A 72 10.73 1.07 -7.84
CA LEU A 72 9.76 1.68 -6.94
C LEU A 72 8.64 0.69 -6.59
N LEU A 73 8.21 -0.12 -7.55
CA LEU A 73 7.14 -1.08 -7.26
C LEU A 73 7.64 -2.24 -6.42
N ARG A 74 8.84 -2.75 -6.72
CA ARG A 74 9.43 -3.80 -5.90
C ARG A 74 9.77 -3.30 -4.50
N ALA A 75 9.96 -1.99 -4.33
CA ALA A 75 10.33 -1.44 -3.03
C ALA A 75 9.14 -1.02 -2.20
N GLY A 76 7.99 -0.75 -2.82
CA GLY A 76 6.85 -0.24 -2.08
C GLY A 76 5.58 -1.05 -2.23
N TRP A 77 5.62 -2.12 -3.02
CA TRP A 77 4.41 -2.91 -3.26
C TRP A 77 3.81 -3.39 -1.94
N ASN A 78 4.65 -3.77 -0.98
CA ASN A 78 4.16 -4.30 0.28
C ASN A 78 3.40 -3.23 1.06
N GLU A 79 4.06 -2.10 1.33
CA GLU A 79 3.39 -1.01 2.03
C GLU A 79 2.18 -0.51 1.25
N LEU A 80 2.28 -0.48 -0.08
CA LEU A 80 1.18 -0.01 -0.90
C LEU A 80 -0.05 -0.89 -0.73
N LEU A 81 0.14 -2.22 -0.71
CA LEU A 81 -1.00 -3.12 -0.55
C LEU A 81 -1.54 -3.06 0.87
N ILE A 82 -0.66 -2.95 1.86
CA ILE A 82 -1.11 -2.87 3.25
C ILE A 82 -1.97 -1.63 3.46
N ALA A 83 -1.54 -0.50 2.92
CA ALA A 83 -2.34 0.71 3.02
C ALA A 83 -3.69 0.55 2.33
N SER A 84 -3.75 -0.28 1.27
CA SER A 84 -4.99 -0.46 0.55
C SER A 84 -6.01 -1.24 1.37
N PHE A 85 -5.64 -2.42 1.86
CA PHE A 85 -6.60 -3.22 2.60
C PHE A 85 -6.91 -2.63 3.98
N SER A 86 -6.01 -1.83 4.54
CA SER A 86 -6.31 -1.17 5.81
C SER A 86 -7.44 -0.16 5.63
N HIS A 87 -7.33 0.72 4.64
CA HIS A 87 -8.41 1.67 4.37
C HIS A 87 -9.66 0.95 3.90
N ARG A 88 -9.50 -0.12 3.12
CA ARG A 88 -10.63 -0.95 2.73
C ARG A 88 -11.32 -1.59 3.92
N SER A 89 -10.61 -1.76 5.04
CA SER A 89 -11.15 -2.40 6.22
C SER A 89 -11.66 -1.40 7.25
N ILE A 90 -11.89 -0.15 6.85
CA ILE A 90 -12.43 0.84 7.78
C ILE A 90 -13.83 0.44 8.23
N ALA A 91 -14.57 -0.27 7.37
CA ALA A 91 -15.95 -0.63 7.67
C ALA A 91 -16.07 -1.92 8.47
N VAL A 92 -15.08 -2.79 8.43
CA VAL A 92 -15.15 -4.06 9.15
C VAL A 92 -14.90 -3.81 10.63
N LYS A 93 -15.71 -4.47 11.46
CA LYS A 93 -15.64 -4.31 12.91
C LYS A 93 -14.53 -5.20 13.45
N ASP A 94 -13.43 -4.59 13.88
CA ASP A 94 -12.29 -5.30 14.44
C ASP A 94 -11.90 -6.49 13.58
N GLY A 95 -11.55 -6.20 12.32
CA GLY A 95 -11.16 -7.23 11.39
C GLY A 95 -10.50 -6.60 10.18
N ILE A 96 -10.10 -7.47 9.26
CA ILE A 96 -9.44 -7.06 8.02
C ILE A 96 -10.16 -7.72 6.85
N LEU A 97 -10.42 -6.95 5.80
CA LEU A 97 -11.06 -7.44 4.59
C LEU A 97 -10.00 -7.62 3.51
N LEU A 98 -9.75 -8.87 3.13
CA LEU A 98 -8.77 -9.16 2.09
C LEU A 98 -9.40 -8.99 0.72
N ALA A 99 -8.53 -8.87 -0.29
CA ALA A 99 -9.00 -8.68 -1.66
C ALA A 99 -9.81 -9.85 -2.17
N THR A 100 -9.61 -11.05 -1.61
CA THR A 100 -10.36 -12.22 -2.02
C THR A 100 -11.78 -12.26 -1.46
N GLY A 101 -12.18 -11.24 -0.71
CA GLY A 101 -13.49 -11.21 -0.09
C GLY A 101 -13.56 -11.84 1.29
N LEU A 102 -12.47 -12.42 1.77
CA LEU A 102 -12.46 -13.04 3.08
C LEU A 102 -12.22 -12.00 4.16
N HIS A 103 -13.00 -12.07 5.24
CA HIS A 103 -12.84 -11.19 6.38
C HIS A 103 -12.07 -11.94 7.47
N VAL A 104 -10.89 -11.44 7.81
CA VAL A 104 -10.05 -12.03 8.84
C VAL A 104 -10.21 -11.20 10.10
N HIS A 105 -10.76 -11.82 11.15
CA HIS A 105 -11.01 -11.15 12.42
C HIS A 105 -9.94 -11.54 13.44
N ARG A 106 -10.10 -11.03 14.65
CA ARG A 106 -9.08 -11.23 15.68
C ARG A 106 -8.92 -12.70 16.05
N ASN A 107 -9.98 -13.49 15.92
CA ASN A 107 -9.90 -14.91 16.27
C ASN A 107 -9.21 -15.71 15.17
N SER A 108 -9.65 -15.55 13.92
CA SER A 108 -9.02 -16.28 12.82
C SER A 108 -7.55 -15.91 12.70
N ALA A 109 -7.22 -14.63 12.85
CA ALA A 109 -5.82 -14.21 12.78
C ALA A 109 -5.01 -14.80 13.92
N HIS A 110 -5.56 -14.78 15.13
CA HIS A 110 -4.85 -15.35 16.27
C HIS A 110 -4.61 -16.85 16.06
N SER A 111 -5.65 -17.58 15.67
CA SER A 111 -5.50 -19.01 15.41
C SER A 111 -4.60 -19.27 14.22
N ALA A 112 -4.32 -18.26 13.40
CA ALA A 112 -3.43 -18.39 12.25
C ALA A 112 -1.99 -18.06 12.60
N GLY A 113 -1.69 -17.73 13.86
CA GLY A 113 -0.35 -17.42 14.28
C GLY A 113 0.10 -16.00 13.98
N VAL A 114 -0.78 -15.14 13.48
CA VAL A 114 -0.43 -13.77 13.16
C VAL A 114 -1.29 -12.82 13.97
N GLY A 115 -1.56 -13.17 15.23
CA GLY A 115 -2.40 -12.33 16.07
C GLY A 115 -1.72 -11.03 16.46
N ALA A 116 -0.42 -11.08 16.74
CA ALA A 116 0.30 -9.88 17.14
C ALA A 116 0.28 -8.82 16.05
N ILE A 117 0.74 -9.19 14.85
CA ILE A 117 0.78 -8.22 13.76
C ILE A 117 -0.63 -7.80 13.36
N PHE A 118 -1.61 -8.67 13.55
CA PHE A 118 -3.00 -8.30 13.28
C PHE A 118 -3.43 -7.14 14.16
N ASP A 119 -3.16 -7.23 15.47
CA ASP A 119 -3.52 -6.15 16.38
C ASP A 119 -2.84 -4.85 15.97
N ARG A 120 -1.57 -4.92 15.55
CA ARG A 120 -0.87 -3.73 15.13
C ARG A 120 -1.56 -3.06 13.95
N VAL A 121 -1.96 -3.87 12.96
CA VAL A 121 -2.64 -3.32 11.78
C VAL A 121 -3.89 -2.57 12.20
N LEU A 122 -4.63 -3.10 13.18
CA LEU A 122 -5.88 -2.47 13.60
C LEU A 122 -5.62 -1.22 14.44
N THR A 123 -4.76 -1.34 15.46
CA THR A 123 -4.56 -0.22 16.37
C THR A 123 -3.73 0.90 15.73
N GLU A 124 -2.83 0.57 14.82
CA GLU A 124 -1.95 1.56 14.23
C GLU A 124 -2.40 2.06 12.85
N LEU A 125 -3.20 1.29 12.13
CA LEU A 125 -3.56 1.70 10.78
C LEU A 125 -5.07 1.78 10.58
N VAL A 126 -5.75 0.63 10.64
CA VAL A 126 -7.18 0.58 10.33
C VAL A 126 -7.94 1.51 11.25
N SER A 127 -7.78 1.34 12.56
CA SER A 127 -8.52 2.18 13.51
C SER A 127 -8.14 3.65 13.37
N LYS A 128 -6.86 3.93 13.16
CA LYS A 128 -6.43 5.32 12.97
C LYS A 128 -7.04 5.91 11.71
N MET A 129 -7.10 5.14 10.63
CA MET A 129 -7.74 5.62 9.40
C MET A 129 -9.21 5.92 9.63
N ARG A 130 -9.91 5.06 10.37
CA ARG A 130 -11.34 5.23 10.57
C ARG A 130 -11.63 6.44 11.46
N ASP A 131 -10.82 6.67 12.48
CA ASP A 131 -11.10 7.75 13.42
C ASP A 131 -11.04 9.11 12.74
N MET A 132 -10.00 9.35 11.94
CA MET A 132 -9.84 10.62 11.26
C MET A 132 -10.59 10.70 9.94
N GLN A 133 -11.30 9.63 9.56
CA GLN A 133 -12.06 9.60 8.31
C GLN A 133 -11.18 9.94 7.12
N MET A 134 -10.03 9.26 7.03
CA MET A 134 -9.15 9.42 5.89
C MET A 134 -9.89 9.06 4.60
N ASP A 135 -10.06 10.04 3.73
CA ASP A 135 -10.76 9.80 2.47
C ASP A 135 -9.82 9.18 1.44
N LYS A 136 -10.39 8.78 0.31
CA LYS A 136 -9.61 8.06 -0.70
C LYS A 136 -8.60 8.97 -1.40
N THR A 137 -8.86 10.28 -1.43
CA THR A 137 -7.86 11.20 -1.97
C THR A 137 -6.64 11.25 -1.08
N GLU A 138 -6.84 11.35 0.24
CA GLU A 138 -5.72 11.32 1.16
C GLU A 138 -5.03 9.96 1.16
N LEU A 139 -5.79 8.89 0.95
CA LEU A 139 -5.18 7.56 0.83
C LEU A 139 -4.28 7.48 -0.39
N GLY A 140 -4.79 7.91 -1.55
CA GLY A 140 -3.99 7.86 -2.76
C GLY A 140 -2.72 8.67 -2.64
N CYS A 141 -2.81 9.88 -2.06
CA CYS A 141 -1.62 10.71 -1.91
C CYS A 141 -0.57 10.02 -1.05
N LEU A 142 -1.00 9.40 0.06
CA LEU A 142 -0.05 8.66 0.89
C LEU A 142 0.57 7.50 0.12
N ARG A 143 -0.25 6.75 -0.63
CA ARG A 143 0.29 5.66 -1.44
C ARG A 143 1.16 6.19 -2.57
N ALA A 144 0.81 7.35 -3.13
CA ALA A 144 1.68 7.97 -4.13
C ALA A 144 3.00 8.42 -3.50
N ILE A 145 2.95 8.91 -2.26
CA ILE A 145 4.18 9.29 -1.56
C ILE A 145 5.05 8.06 -1.34
N VAL A 146 4.44 6.95 -0.89
CA VAL A 146 5.20 5.73 -0.67
C VAL A 146 5.76 5.21 -1.99
N LEU A 147 4.98 5.32 -3.06
CA LEU A 147 5.46 4.89 -4.37
C LEU A 147 6.70 5.67 -4.79
N PHE A 148 6.65 6.99 -4.63
CA PHE A 148 7.79 7.86 -4.99
C PHE A 148 8.79 7.89 -3.83
N ASN A 149 9.40 6.74 -3.60
CA ASN A 149 10.36 6.57 -2.52
C ASN A 149 11.77 6.88 -3.00
N PRO A 150 12.33 8.04 -2.66
CA PRO A 150 13.71 8.34 -3.08
C PRO A 150 14.76 7.51 -2.39
N ASP A 151 14.41 6.81 -1.30
CA ASP A 151 15.36 5.96 -0.60
C ASP A 151 15.53 4.59 -1.25
N SER A 152 14.73 4.28 -2.27
CA SER A 152 14.88 3.00 -2.96
C SER A 152 16.28 2.89 -3.56
N LYS A 153 16.91 1.75 -3.35
CA LYS A 153 18.27 1.53 -3.82
C LYS A 153 18.27 1.23 -5.32
N GLY A 154 19.25 1.82 -6.02
CA GLY A 154 19.43 1.57 -7.43
C GLY A 154 18.77 2.56 -8.36
N LEU A 155 18.00 3.50 -7.84
CA LEU A 155 17.32 4.48 -8.69
C LEU A 155 18.33 5.28 -9.49
N SER A 156 18.13 5.34 -10.81
CA SER A 156 19.06 6.07 -11.67
C SER A 156 19.07 7.56 -11.34
N ASN A 157 17.94 8.11 -10.85
CA ASN A 157 17.86 9.52 -10.50
C ASN A 157 16.92 9.67 -9.32
N PRO A 158 17.43 9.47 -8.10
CA PRO A 158 16.57 9.62 -6.91
C PRO A 158 16.03 11.03 -6.74
N ALA A 159 16.76 12.04 -7.23
CA ALA A 159 16.28 13.42 -7.10
C ALA A 159 14.95 13.60 -7.82
N GLU A 160 14.80 13.02 -9.01
CA GLU A 160 13.53 13.13 -9.73
C GLU A 160 12.41 12.48 -8.94
N VAL A 161 12.66 11.29 -8.40
CA VAL A 161 11.67 10.64 -7.55
C VAL A 161 11.36 11.51 -6.34
N GLU A 162 12.40 12.12 -5.75
CA GLU A 162 12.18 13.01 -4.62
C GLU A 162 11.36 14.22 -5.02
N ALA A 163 11.58 14.75 -6.23
CA ALA A 163 10.80 15.88 -6.70
C ALA A 163 9.33 15.51 -6.85
N LEU A 164 9.06 14.32 -7.37
CA LEU A 164 7.67 13.88 -7.53
C LEU A 164 7.00 13.69 -6.17
N ARG A 165 7.73 13.15 -5.20
CA ARG A 165 7.19 13.01 -3.84
C ARG A 165 6.81 14.38 -3.28
N GLU A 166 7.72 15.35 -3.39
CA GLU A 166 7.43 16.69 -2.87
C GLU A 166 6.21 17.30 -3.55
N LYS A 167 6.05 17.06 -4.86
CA LYS A 167 4.85 17.52 -5.54
C LYS A 167 3.61 16.85 -4.98
N VAL A 168 3.72 15.58 -4.58
CA VAL A 168 2.55 14.84 -4.09
C VAL A 168 2.06 15.44 -2.78
N TYR A 169 2.90 15.43 -1.75
CA TYR A 169 2.45 15.98 -0.47
C TYR A 169 2.27 17.49 -0.51
N ALA A 170 2.74 18.15 -1.56
CA ALA A 170 2.40 19.56 -1.76
C ALA A 170 0.94 19.71 -2.16
N SER A 171 0.46 18.84 -3.06
CA SER A 171 -0.95 18.85 -3.42
C SER A 171 -1.83 18.35 -2.28
N LEU A 172 -1.32 17.40 -1.49
CA LEU A 172 -2.10 16.86 -0.38
C LEU A 172 -2.34 17.92 0.68
N GLU A 173 -1.28 18.64 1.09
CA GLU A 173 -1.44 19.67 2.11
C GLU A 173 -2.44 20.73 1.66
N ALA A 174 -2.35 21.18 0.40
CA ALA A 174 -3.31 22.14 -0.10
C ALA A 174 -4.72 21.55 -0.09
N TYR A 175 -4.85 20.27 -0.41
CA TYR A 175 -6.15 19.61 -0.35
C TYR A 175 -6.68 19.58 1.07
N CYS A 176 -5.81 19.26 2.04
CA CYS A 176 -6.25 19.18 3.43
C CYS A 176 -6.63 20.56 3.96
N LYS A 177 -5.83 21.58 3.65
CA LYS A 177 -6.15 22.94 4.10
C LYS A 177 -7.44 23.45 3.49
N HIS A 178 -7.76 23.02 2.27
CA HIS A 178 -9.00 23.47 1.62
C HIS A 178 -10.18 22.59 2.01
N LYS A 179 -9.99 21.28 2.07
CA LYS A 179 -11.07 20.35 2.39
C LYS A 179 -11.38 20.34 3.89
N TYR A 180 -10.35 20.48 4.74
CA TYR A 180 -10.50 20.45 6.18
C TYR A 180 -9.77 21.66 6.77
N PRO A 181 -10.29 22.86 6.53
CA PRO A 181 -9.57 24.07 6.99
C PRO A 181 -9.41 24.15 8.49
N GLU A 182 -10.29 23.51 9.26
CA GLU A 182 -10.24 23.59 10.71
C GLU A 182 -9.45 22.45 11.35
N GLN A 183 -8.79 21.62 10.53
CA GLN A 183 -7.89 20.58 11.01
C GLN A 183 -6.49 20.91 10.51
N PRO A 184 -5.86 21.93 11.08
CA PRO A 184 -4.54 22.35 10.56
C PRO A 184 -3.48 21.27 10.64
N GLY A 185 -3.56 20.39 11.64
CA GLY A 185 -2.61 19.31 11.79
C GLY A 185 -2.98 18.03 11.07
N ARG A 186 -4.03 18.05 10.23
CA ARG A 186 -4.42 16.84 9.53
C ARG A 186 -3.35 16.38 8.55
N PHE A 187 -2.72 17.31 7.85
CA PHE A 187 -1.67 16.96 6.91
C PHE A 187 -0.53 16.23 7.62
N ALA A 188 -0.09 16.76 8.75
CA ALA A 188 0.98 16.10 9.51
C ALA A 188 0.51 14.76 10.07
N LYS A 189 -0.75 14.69 10.49
CA LYS A 189 -1.26 13.44 11.04
C LYS A 189 -1.23 12.32 9.99
N LEU A 190 -1.54 12.66 8.74
CA LEU A 190 -1.52 11.66 7.67
C LEU A 190 -0.11 11.12 7.46
N LEU A 191 0.87 12.01 7.30
CA LEU A 191 2.24 11.58 7.06
C LEU A 191 2.78 10.78 8.23
N LEU A 192 2.33 11.06 9.45
CA LEU A 192 2.83 10.38 10.63
C LEU A 192 2.27 8.97 10.81
N ARG A 193 1.48 8.48 9.86
CA ARG A 193 1.09 7.08 9.83
C ARG A 193 2.05 6.23 8.99
N LEU A 194 2.98 6.85 8.28
CA LEU A 194 3.92 6.14 7.41
C LEU A 194 4.93 5.34 8.23
N PRO A 195 5.48 5.89 9.31
CA PRO A 195 6.38 5.08 10.16
C PRO A 195 5.75 3.78 10.59
N ALA A 196 4.49 3.80 11.03
CA ALA A 196 3.80 2.56 11.38
C ALA A 196 3.68 1.65 10.17
N LEU A 197 3.28 2.21 9.03
CA LEU A 197 3.18 1.43 7.81
C LEU A 197 4.53 0.81 7.44
N ARG A 198 5.64 1.51 7.73
CA ARG A 198 6.96 0.97 7.43
C ARG A 198 7.25 -0.25 8.30
N SER A 199 7.07 -0.13 9.61
CA SER A 199 7.35 -1.25 10.50
C SER A 199 6.35 -2.39 10.31
N ILE A 200 5.07 -2.05 10.14
CA ILE A 200 4.07 -3.10 9.92
C ILE A 200 4.37 -3.87 8.64
N GLY A 201 4.76 -3.16 7.58
CA GLY A 201 5.11 -3.84 6.34
C GLY A 201 6.28 -4.78 6.50
N LEU A 202 7.31 -4.34 7.23
CA LEU A 202 8.46 -5.21 7.48
C LEU A 202 8.04 -6.49 8.18
N LYS A 203 7.16 -6.37 9.18
CA LYS A 203 6.72 -7.56 9.91
C LYS A 203 5.86 -8.46 9.03
N CYS A 204 4.93 -7.86 8.26
CA CYS A 204 4.12 -8.65 7.34
C CYS A 204 5.00 -9.38 6.34
N LEU A 205 6.03 -8.71 5.82
CA LEU A 205 6.92 -9.36 4.87
C LEU A 205 7.60 -10.57 5.49
N GLU A 206 7.97 -10.47 6.77
CA GLU A 206 8.56 -11.62 7.46
C GLU A 206 7.62 -12.82 7.43
N HIS A 207 6.36 -12.60 7.80
CA HIS A 207 5.39 -13.69 7.81
C HIS A 207 5.23 -14.29 6.42
N LEU A 208 5.29 -13.45 5.38
CA LEU A 208 5.22 -13.97 4.01
C LEU A 208 6.37 -14.94 3.74
N PHE A 209 7.57 -14.62 4.23
CA PHE A 209 8.69 -15.56 4.08
C PHE A 209 8.47 -16.78 4.96
N PHE A 210 7.96 -16.60 6.18
CA PHE A 210 7.57 -17.74 7.00
C PHE A 210 6.59 -18.62 6.24
N PHE A 211 5.61 -18.02 5.57
CA PHE A 211 4.64 -18.81 4.80
C PHE A 211 5.31 -19.50 3.63
N LYS A 212 6.09 -18.76 2.84
CA LYS A 212 6.74 -19.34 1.66
C LYS A 212 7.80 -20.35 2.07
N LEU A 213 8.69 -19.97 2.98
CA LEU A 213 9.80 -20.85 3.35
C LEU A 213 9.29 -22.23 3.78
N ILE A 214 8.28 -22.26 4.64
CA ILE A 214 7.75 -23.53 5.13
C ILE A 214 7.06 -24.34 4.05
N GLY A 215 6.71 -23.72 2.93
CA GLY A 215 6.04 -24.43 1.86
C GLY A 215 4.63 -24.83 2.21
N ASP A 216 4.22 -24.50 3.44
CA ASP A 216 2.88 -24.82 3.90
C ASP A 216 1.81 -24.09 3.11
N THR A 217 2.14 -22.98 2.46
CA THR A 217 1.16 -22.17 1.76
C THR A 217 1.58 -22.00 0.32
N PRO A 218 0.69 -22.20 -0.64
CA PRO A 218 1.04 -21.97 -2.05
C PRO A 218 1.33 -20.50 -2.30
N ILE A 219 2.39 -20.25 -3.08
CA ILE A 219 2.80 -18.89 -3.45
C ILE A 219 2.69 -18.78 -4.96
N ASP A 220 1.86 -17.86 -5.43
CA ASP A 220 1.61 -17.72 -6.86
C ASP A 220 2.75 -16.97 -7.54
N THR A 221 2.66 -16.85 -8.86
CA THR A 221 3.78 -16.33 -9.65
C THR A 221 4.14 -14.90 -9.25
N PHE A 222 3.19 -13.97 -9.40
CA PHE A 222 3.50 -12.56 -9.20
C PHE A 222 4.05 -12.32 -7.79
N LEU A 223 3.33 -12.78 -6.77
CA LEU A 223 3.83 -12.64 -5.40
C LEU A 223 5.17 -13.34 -5.25
N MET A 224 5.32 -14.51 -5.86
CA MET A 224 6.61 -15.21 -5.80
C MET A 224 7.72 -14.36 -6.35
N GLU A 225 7.44 -13.63 -7.44
CA GLU A 225 8.49 -12.80 -8.06
C GLU A 225 8.90 -11.66 -7.13
N MET A 226 7.94 -11.09 -6.39
CA MET A 226 8.28 -10.02 -5.46
C MET A 226 9.07 -10.54 -4.26
N LEU A 227 8.80 -11.77 -3.83
CA LEU A 227 9.51 -12.34 -2.69
C LEU A 227 10.93 -12.79 -3.04
N GLU A 228 11.33 -12.72 -4.31
CA GLU A 228 12.63 -13.18 -4.76
C GLU A 228 13.49 -12.01 -5.21
N ALA A 229 14.73 -12.32 -5.53
CA ALA A 229 15.73 -11.30 -5.90
C ALA A 229 15.19 -10.30 -6.90
N LYS B 1 10.39 -10.53 -14.16
CA LYS B 1 10.02 -10.49 -15.58
C LYS B 1 8.56 -10.07 -15.76
N ILE B 2 7.67 -10.70 -15.00
CA ILE B 2 6.24 -10.39 -15.14
C ILE B 2 5.96 -8.93 -14.81
N LEU B 3 6.65 -8.40 -13.79
CA LEU B 3 6.51 -6.98 -13.47
C LEU B 3 6.94 -6.11 -14.64
N HIS B 4 8.04 -6.49 -15.32
CA HIS B 4 8.49 -5.73 -16.48
C HIS B 4 7.45 -5.75 -17.59
N ARG B 5 6.87 -6.91 -17.86
CA ARG B 5 5.92 -7.03 -18.96
C ARG B 5 4.60 -6.32 -18.64
N LEU B 6 4.18 -6.32 -17.38
CA LEU B 6 2.93 -5.66 -17.02
C LEU B 6 3.05 -4.14 -17.12
N LEU B 7 4.22 -3.59 -16.79
CA LEU B 7 4.40 -2.14 -16.91
C LEU B 7 4.39 -1.69 -18.37
N GLN B 8 4.89 -2.52 -19.28
CA GLN B 8 4.87 -2.21 -20.69
C GLN B 8 3.48 -2.38 -21.28
C25 SJZ C . 0.84 -10.92 4.64
C24 SJZ C . 1.03 -11.73 5.74
C23 SJZ C . 0.20 -11.59 6.83
C22 SJZ C . -1.16 -10.13 9.30
C20 SJZ C . -3.31 -10.39 10.34
C18 SJZ C . -3.03 -10.89 8.01
C19 SJZ C . -3.83 -10.80 9.13
C17 SJZ C . -1.69 -10.54 8.09
C15 SJZ C . -2.10 -8.75 5.70
C16 SJZ C . -0.80 -10.64 6.85
C21 SJZ C . -1.97 -10.05 10.43
C14 SJZ C . -0.99 -9.82 5.74
C13 SJZ C . -0.15 -9.97 4.63
C12 SJZ C . -0.33 -9.09 3.38
C11 SJZ C . -1.50 -9.16 2.65
O01 SJZ C . 1.88 -8.16 3.70
C02 SJZ C . 0.68 -8.23 2.97
C03 SJZ C . 0.51 -7.46 1.83
C04 SJZ C . -0.67 -7.53 1.10
C05 SJZ C . -1.67 -8.39 1.51
C06 SJZ C . -2.99 -8.49 0.74
C07 SJZ C . -3.82 -7.48 0.75
C08 SJZ C . -5.15 -7.53 -0.01
O09 SJZ C . -5.96 -8.46 0.22
O10 SJZ C . -5.43 -6.64 -0.85
H251 SJZ C . 1.40 -11.01 3.90
H241 SJZ C . 1.71 -12.37 5.74
H231 SJZ C . 0.33 -12.13 7.57
H221 SJZ C . -0.25 -9.90 9.36
H201 SJZ C . -3.85 -10.33 11.09
H181 SJZ C . -3.39 -11.16 7.19
H191 SJZ C . -4.74 -11.04 9.07
H151 SJZ C . -2.69 -8.88 6.46
H152 SJZ C . -2.60 -8.83 4.89
H153 SJZ C . -1.70 -7.87 5.75
H211 SJZ C . -1.61 -9.77 11.24
H111 SJZ C . -2.18 -9.74 2.93
H011 SJZ C . 2.34 -8.86 3.57
H031 SJZ C . 1.18 -6.88 1.56
H041 SJZ C . -0.78 -7.01 0.35
H061 SJZ C . -3.19 -9.26 0.26
H071 SJZ C . -3.61 -6.71 1.23
#